data_9AXY
#
_entry.id   9AXY
#
_cell.length_a   117.097
_cell.length_b   117.097
_cell.length_c   129.424
_cell.angle_alpha   90.000
_cell.angle_beta   90.000
_cell.angle_gamma   120.000
#
_symmetry.space_group_name_H-M   'P 31 2 1'
#
loop_
_entity.id
_entity.type
_entity.pdbx_description
1 polymer 'Serine/threonine-protein kinase B-raf'
2 polymer 'Dual specificity mitogen-activated protein kinase kinase 1'
3 non-polymer 'PHOSPHOAMINOPHOSPHONIC ACID-ADENYLATE ESTER'
4 non-polymer 'MAGNESIUM ION'
5 non-polymer "N-[3-fluoro-4-({7-[(3-fluoropyridin-2-yl)oxy]-4-methyl-2-oxo-2H-1-benzopyran-3-yl}methyl)pyridin-2-yl]-N'-methylsulfuric diamide"
#
loop_
_entity_poly.entity_id
_entity_poly.type
_entity_poly.pdbx_seq_one_letter_code
_entity_poly.pdbx_strand_id
1 'polypeptide(L)'
;GDSSDDWEIPDGQITVGQRIGSGSFGTVYKGKWHGDVAVKMLNVTAPTPQQLQAFKNEVGVLRKTRHVNILLFMGYSTKP
QLAIVTQWCEGSSLYHHLHIIETKFEMIKLIDIARQTAQGMDYLHAKSIIHRDLKSNNIFLHEDLTVKIGDFGLATVKSR
WSGSHQFEQLSGSILWMAPEVIRMQDKNPYSFQSDVYAFGIVLYELMTGQLPYSNINNRDQIIFMVGRGYLSPDLSKVRS
NCPKAMKRLMAECLKKKRDERPLFPQILASIELLARSLPK
;
A
2 'polypeptide(L)'
;GMPKKKPTPIQLNPAPDGSAVNGTSSAETNLEALQKKLEELELDEQQRKRLEAFLTQKQKVGELKDDDFEKISELGAGNG
GVVFKVSHKPSGLVMARKLIHLEIKPAIRNQIIRELQVLHECNSPYIVGFYGAFYSDGEISICMEHMDGGSLDQVLKKAG
RIPEQILGKVSIAVIKGLTYLREKHKIMHRDVKPSNILVNSRGEIKLCDFGVSGQLIDAMANAFVGTRSYMSPERLQGTH
YSVQSDIWSMGLSLVEMAVGRYPIPPPDAKELELMFGCQVEGDAAETPPRPRTPGRPLSSYGMDSRPPMAIFELLDYIVN
EPPPKLPSGVFSLEFQDFVNKCLIKNPAERADLKQLMVHAFIKRSDAEEVDFAGWLCSTIGLNQPSTPTHAAGV
;
B
#
loop_
_chem_comp.id
_chem_comp.type
_chem_comp.name
_chem_comp.formula
A1AHE non-polymer 'N-[3-fluoro-4-({7-[(3-fluoropyridin-2-yl)oxy]-4-methyl-2-oxo-2H-1-benzopyran-3-yl}methyl)pyridin-2-yl]-N'-methylsulfuric diamide' 'C22 H18 F2 N4 O5 S'
ANP non-polymer 'PHOSPHOAMINOPHOSPHONIC ACID-ADENYLATE ESTER' 'C10 H17 N6 O12 P3'
MG non-polymer 'MAGNESIUM ION' 'Mg 2'
#
# COMPACT_ATOMS: atom_id res chain seq x y z
N ASP A 5 -10.47 27.22 22.82
CA ASP A 5 -9.19 27.07 23.52
C ASP A 5 -8.07 27.73 22.72
N ASP A 6 -6.89 27.80 23.34
CA ASP A 6 -5.68 28.30 22.71
C ASP A 6 -5.47 27.71 21.33
N TRP A 7 -5.47 28.56 20.31
CA TRP A 7 -5.22 28.18 18.93
C TRP A 7 -6.16 27.08 18.44
N GLU A 8 -7.31 26.92 19.09
CA GLU A 8 -8.39 26.10 18.58
C GLU A 8 -9.28 26.95 17.68
N ILE A 9 -9.90 26.30 16.70
CA ILE A 9 -10.79 26.95 15.75
C ILE A 9 -12.20 26.42 15.96
N PRO A 10 -13.21 27.27 16.11
CA PRO A 10 -14.57 26.80 16.39
C PRO A 10 -15.15 26.02 15.21
N ASP A 11 -16.36 25.50 15.48
CA ASP A 11 -16.99 24.51 14.62
C ASP A 11 -17.18 25.02 13.20
N GLY A 12 -18.00 26.05 13.01
CA GLY A 12 -18.47 26.39 11.70
C GLY A 12 -17.77 27.56 11.01
N GLN A 13 -16.54 27.90 11.44
CA GLN A 13 -15.85 29.04 10.85
C GLN A 13 -15.10 28.71 9.57
N ILE A 14 -14.90 27.43 9.26
CA ILE A 14 -14.11 27.02 8.11
C ILE A 14 -15.03 26.57 7.00
N THR A 15 -14.86 27.17 5.82
CA THR A 15 -15.52 26.68 4.61
C THR A 15 -14.70 25.50 4.09
N VAL A 16 -15.22 24.29 4.27
CA VAL A 16 -14.59 23.11 3.72
C VAL A 16 -15.01 22.96 2.28
N GLY A 17 -14.04 22.77 1.38
CA GLY A 17 -14.35 22.76 -0.04
C GLY A 17 -13.98 21.48 -0.76
N GLN A 18 -13.35 21.63 -1.93
CA GLN A 18 -13.09 20.51 -2.82
C GLN A 18 -12.11 19.54 -2.19
N ARG A 19 -12.33 18.24 -2.43
CA ARG A 19 -11.44 17.21 -1.95
C ARG A 19 -10.19 17.16 -2.83
N ILE A 20 -9.03 17.24 -2.21
CA ILE A 20 -7.76 17.19 -2.92
C ILE A 20 -7.19 15.78 -2.94
N GLY A 21 -7.04 15.15 -1.78
CA GLY A 21 -6.58 13.78 -1.81
C GLY A 21 -6.04 13.32 -0.47
N SER A 22 -5.73 12.02 -0.41
CA SER A 22 -5.37 11.37 0.84
C SER A 22 -3.92 10.93 0.85
N GLY A 23 -3.32 10.97 2.03
CA GLY A 23 -1.92 10.61 2.23
C GLY A 23 -1.75 9.65 3.38
N SER A 24 -0.66 9.85 4.13
CA SER A 24 -0.29 8.87 5.16
C SER A 24 -1.18 8.99 6.38
N PHE A 25 -1.60 10.21 6.74
CA PHE A 25 -2.31 10.40 7.99
C PHE A 25 -3.50 11.36 7.89
N GLY A 26 -4.03 11.61 6.71
CA GLY A 26 -5.20 12.47 6.61
C GLY A 26 -5.64 12.65 5.18
N THR A 27 -6.77 13.34 5.03
CA THR A 27 -7.33 13.69 3.74
C THR A 27 -7.40 15.20 3.60
N VAL A 28 -6.82 15.74 2.53
CA VAL A 28 -6.68 17.17 2.32
C VAL A 28 -7.80 17.66 1.42
N TYR A 29 -8.46 18.74 1.87
CA TYR A 29 -9.44 19.52 1.15
C TYR A 29 -8.96 20.97 1.07
N LYS A 30 -9.31 21.66 -0.02
CA LYS A 30 -9.12 23.10 -0.09
C LYS A 30 -10.22 23.78 0.73
N GLY A 31 -9.88 24.86 1.44
CA GLY A 31 -10.86 25.49 2.29
C GLY A 31 -10.65 26.98 2.44
N LYS A 32 -11.54 27.60 3.20
CA LYS A 32 -11.48 29.03 3.49
C LYS A 32 -11.46 29.27 4.99
N TRP A 33 -10.55 30.14 5.42
CA TRP A 33 -10.46 30.54 6.83
C TRP A 33 -9.64 31.83 6.86
N HIS A 34 -10.32 32.96 6.71
CA HIS A 34 -9.69 34.25 6.45
C HIS A 34 -8.68 34.12 5.31
N GLY A 35 -9.14 33.53 4.22
CA GLY A 35 -8.31 33.21 3.07
C GLY A 35 -8.27 31.72 2.81
N ASP A 36 -7.59 31.37 1.72
CA ASP A 36 -7.46 29.96 1.36
C ASP A 36 -6.60 29.22 2.37
N VAL A 37 -6.99 27.96 2.65
CA VAL A 37 -6.26 27.10 3.56
C VAL A 37 -6.30 25.67 3.02
N ALA A 38 -5.42 24.85 3.56
CA ALA A 38 -5.51 23.41 3.41
C ALA A 38 -6.07 22.83 4.71
N VAL A 39 -7.15 22.08 4.59
CA VAL A 39 -7.81 21.44 5.72
C VAL A 39 -7.55 19.94 5.62
N LYS A 40 -6.76 19.41 6.53
CA LYS A 40 -6.46 17.98 6.57
C LYS A 40 -7.34 17.34 7.63
N MET A 41 -8.36 16.60 7.18
CA MET A 41 -9.14 15.76 8.07
C MET A 41 -8.28 14.57 8.49
N LEU A 42 -7.91 14.55 9.77
CA LEU A 42 -7.00 13.53 10.26
C LEU A 42 -7.67 12.17 10.26
N ASN A 43 -6.84 11.13 10.20
CA ASN A 43 -7.34 9.76 10.26
C ASN A 43 -7.57 9.28 11.70
N VAL A 44 -7.36 10.16 12.69
CA VAL A 44 -7.75 9.88 14.07
C VAL A 44 -8.97 10.73 14.38
N THR A 45 -10.15 10.17 14.17
CA THR A 45 -11.38 10.93 14.42
C THR A 45 -11.64 11.06 15.91
N ALA A 46 -11.80 9.93 16.61
CA ALA A 46 -12.01 9.94 18.06
C ALA A 46 -10.67 9.75 18.76
N PRO A 47 -10.13 10.77 19.43
CA PRO A 47 -8.86 10.60 20.13
C PRO A 47 -9.05 10.44 21.64
N THR A 48 -8.11 9.74 22.28
CA THR A 48 -8.16 9.59 23.72
C THR A 48 -7.87 10.93 24.39
N PRO A 49 -8.31 11.11 25.64
CA PRO A 49 -8.05 12.40 26.32
C PRO A 49 -6.59 12.77 26.37
N GLN A 50 -5.75 11.84 26.83
CA GLN A 50 -4.31 12.09 26.91
C GLN A 50 -3.75 12.44 25.53
N GLN A 51 -4.19 11.72 24.50
CA GLN A 51 -3.75 12.01 23.14
C GLN A 51 -4.15 13.42 22.71
N LEU A 52 -5.41 13.79 22.94
CA LEU A 52 -5.88 15.10 22.51
C LEU A 52 -5.10 16.21 23.22
N GLN A 53 -4.75 16.00 24.49
CA GLN A 53 -3.96 16.99 25.20
C GLN A 53 -2.54 17.09 24.64
N ALA A 54 -1.91 15.94 24.38
CA ALA A 54 -0.58 15.97 23.76
C ALA A 54 -0.64 16.64 22.38
N PHE A 55 -1.74 16.43 21.66
CA PHE A 55 -1.93 17.07 20.37
C PHE A 55 -2.02 18.59 20.51
N LYS A 56 -2.72 19.05 21.55
CA LYS A 56 -2.79 20.49 21.80
C LYS A 56 -1.41 21.06 22.10
N ASN A 57 -0.61 20.35 22.89
CA ASN A 57 0.75 20.81 23.18
C ASN A 57 1.59 20.88 21.90
N GLU A 58 1.48 19.86 21.06
CA GLU A 58 2.22 19.84 19.80
C GLU A 58 1.78 20.99 18.89
N VAL A 59 0.47 21.27 18.85
CA VAL A 59 -0.02 22.40 18.07
C VAL A 59 0.53 23.71 18.61
N GLY A 60 0.66 23.81 19.94
CA GLY A 60 1.28 24.98 20.52
C GLY A 60 2.71 25.17 20.06
N VAL A 61 3.48 24.07 19.99
CA VAL A 61 4.85 24.18 19.50
C VAL A 61 4.88 24.56 18.02
N LEU A 62 3.99 23.95 17.22
CA LEU A 62 4.01 24.18 15.78
C LEU A 62 3.55 25.59 15.42
N ARG A 63 2.65 26.15 16.23
CA ARG A 63 2.10 27.48 15.96
C ARG A 63 3.13 28.57 16.12
N LYS A 64 4.21 28.31 16.86
CA LYS A 64 5.27 29.28 17.05
C LYS A 64 6.23 29.34 15.86
N THR A 65 6.17 28.38 14.95
CA THR A 65 7.15 28.28 13.88
C THR A 65 6.79 29.21 12.72
N ARG A 66 7.78 29.98 12.27
CA ARG A 66 7.61 30.86 11.12
C ARG A 66 8.94 30.90 10.37
N HIS A 67 8.90 30.53 9.09
CA HIS A 67 10.12 30.51 8.28
C HIS A 67 9.72 30.50 6.81
N VAL A 68 10.56 31.14 5.98
CA VAL A 68 10.24 31.30 4.56
C VAL A 68 10.15 29.96 3.85
N ASN A 69 10.77 28.91 4.39
CA ASN A 69 10.73 27.59 3.79
C ASN A 69 9.81 26.64 4.53
N ILE A 70 8.90 27.17 5.35
CA ILE A 70 8.02 26.36 6.18
C ILE A 70 6.59 26.82 5.96
N LEU A 71 5.72 25.90 5.57
CA LEU A 71 4.29 26.19 5.49
C LEU A 71 3.77 26.58 6.87
N LEU A 72 2.98 27.64 6.92
CA LEU A 72 2.42 28.10 8.19
C LEU A 72 1.39 27.10 8.69
N PHE A 73 1.47 26.78 9.98
CA PHE A 73 0.51 25.92 10.66
C PHE A 73 -0.46 26.81 11.41
N MET A 74 -1.74 26.74 11.04
CA MET A 74 -2.71 27.75 11.47
C MET A 74 -3.57 27.32 12.65
N GLY A 75 -3.92 26.05 12.77
CA GLY A 75 -4.70 25.62 13.92
C GLY A 75 -5.37 24.29 13.66
N TYR A 76 -6.39 24.01 14.47
CA TYR A 76 -7.13 22.76 14.36
C TYR A 76 -8.57 23.00 14.76
N SER A 77 -9.47 22.24 14.14
CA SER A 77 -10.84 22.13 14.61
C SER A 77 -11.05 20.78 15.25
N THR A 78 -12.06 20.70 16.12
CA THR A 78 -12.43 19.45 16.74
C THR A 78 -13.78 18.92 16.29
N LYS A 79 -14.61 19.77 15.70
CA LYS A 79 -15.90 19.40 15.11
C LYS A 79 -16.01 20.04 13.73
N PRO A 80 -16.66 19.36 12.77
CA PRO A 80 -17.36 18.06 12.84
C PRO A 80 -16.46 16.89 13.22
N GLN A 81 -15.19 16.91 12.82
CA GLN A 81 -14.22 15.96 13.33
C GLN A 81 -12.84 16.59 13.32
N LEU A 82 -11.89 15.90 13.95
CA LEU A 82 -10.57 16.46 14.17
C LEU A 82 -9.87 16.76 12.85
N ALA A 83 -9.20 17.91 12.78
CA ALA A 83 -8.60 18.36 11.54
C ALA A 83 -7.40 19.26 11.82
N ILE A 84 -6.72 19.66 10.75
CA ILE A 84 -5.60 20.58 10.78
C ILE A 84 -5.81 21.64 9.71
N VAL A 85 -5.46 22.88 10.03
CA VAL A 85 -5.55 23.99 9.09
C VAL A 85 -4.15 24.53 8.84
N THR A 86 -3.74 24.57 7.58
CA THR A 86 -2.40 25.04 7.23
C THR A 86 -2.47 25.95 6.02
N GLN A 87 -1.35 26.64 5.77
CA GLN A 87 -1.19 27.47 4.57
C GLN A 87 -1.48 26.65 3.31
N TRP A 88 -2.40 27.16 2.48
CA TRP A 88 -2.59 26.56 1.16
C TRP A 88 -1.48 27.04 0.24
N CYS A 89 -1.03 26.15 -0.64
CA CYS A 89 0.12 26.44 -1.49
C CYS A 89 -0.26 26.20 -2.95
N GLU A 90 -0.48 27.30 -3.68
CA GLU A 90 -0.56 27.24 -5.13
C GLU A 90 0.65 26.52 -5.69
N GLY A 91 0.50 25.90 -6.85
CA GLY A 91 1.62 25.24 -7.48
C GLY A 91 1.90 23.86 -6.93
N SER A 92 2.60 23.06 -7.74
CA SER A 92 2.72 21.63 -7.50
C SER A 92 3.82 21.32 -6.50
N SER A 93 3.74 20.11 -5.96
CA SER A 93 4.76 19.60 -5.06
C SER A 93 5.99 19.14 -5.85
N LEU A 94 7.10 18.98 -5.13
CA LEU A 94 8.33 18.51 -5.77
C LEU A 94 8.13 17.15 -6.42
N TYR A 95 7.31 16.30 -5.81
CA TYR A 95 7.00 15.00 -6.39
C TYR A 95 6.28 15.14 -7.72
N HIS A 96 5.28 16.02 -7.77
CA HIS A 96 4.57 16.27 -9.03
C HIS A 96 5.54 16.70 -10.12
N HIS A 97 6.47 17.59 -9.78
CA HIS A 97 7.41 18.12 -10.76
C HIS A 97 8.36 17.03 -11.25
N LEU A 98 8.96 16.28 -10.32
CA LEU A 98 10.03 15.36 -10.69
C LEU A 98 9.48 14.07 -11.32
N HIS A 99 8.35 13.58 -10.83
CA HIS A 99 7.93 12.22 -11.11
C HIS A 99 6.61 12.11 -11.85
N ILE A 100 5.96 13.23 -12.16
CA ILE A 100 4.69 13.22 -12.88
C ILE A 100 4.79 14.16 -14.07
N ILE A 101 4.99 15.44 -13.80
CA ILE A 101 5.07 16.44 -14.87
C ILE A 101 6.39 16.30 -15.61
N GLU A 102 7.45 15.86 -14.92
CA GLU A 102 8.80 15.73 -15.49
C GLU A 102 9.34 17.10 -15.90
N THR A 103 9.25 18.05 -14.98
CA THR A 103 9.79 19.39 -15.20
C THR A 103 11.31 19.33 -15.33
N LYS A 104 11.82 19.95 -16.40
CA LYS A 104 13.26 19.94 -16.66
C LYS A 104 13.90 21.11 -15.91
N PHE A 105 14.35 20.84 -14.68
CA PHE A 105 15.11 21.84 -13.93
C PHE A 105 16.59 21.77 -14.31
N GLU A 106 17.24 22.93 -14.31
CA GLU A 106 18.68 22.94 -14.46
C GLU A 106 19.35 22.73 -13.11
N MET A 107 20.61 22.26 -13.17
CA MET A 107 21.32 21.88 -11.95
C MET A 107 21.38 23.03 -10.95
N ILE A 108 21.52 24.27 -11.43
CA ILE A 108 21.50 25.43 -10.55
C ILE A 108 20.21 25.45 -9.73
N LYS A 109 19.08 25.19 -10.40
CA LYS A 109 17.78 25.22 -9.73
C LYS A 109 17.60 24.02 -8.81
N LEU A 110 18.11 22.85 -9.23
CA LEU A 110 18.01 21.66 -8.39
C LEU A 110 18.78 21.86 -7.09
N ILE A 111 19.99 22.42 -7.20
CA ILE A 111 20.80 22.74 -6.02
C ILE A 111 20.11 23.79 -5.16
N ASP A 112 19.45 24.77 -5.81
CA ASP A 112 18.75 25.79 -5.03
C ASP A 112 17.59 25.18 -4.25
N ILE A 113 16.87 24.23 -4.86
CA ILE A 113 15.81 23.53 -4.16
C ILE A 113 16.36 22.77 -2.96
N ALA A 114 17.48 22.07 -3.17
CA ALA A 114 18.12 21.36 -2.07
C ALA A 114 18.53 22.32 -0.96
N ARG A 115 19.06 23.48 -1.33
CA ARG A 115 19.53 24.47 -0.36
C ARG A 115 18.37 25.02 0.46
N GLN A 116 17.25 25.31 -0.19
CA GLN A 116 16.10 25.85 0.53
C GLN A 116 15.47 24.79 1.44
N THR A 117 15.39 23.54 0.95
CA THR A 117 14.90 22.46 1.80
C THR A 117 15.78 22.30 3.03
N ALA A 118 17.10 22.38 2.85
CA ALA A 118 18.02 22.30 3.97
C ALA A 118 17.85 23.48 4.91
N GLN A 119 17.59 24.68 4.37
CA GLN A 119 17.30 25.84 5.20
C GLN A 119 16.11 25.57 6.12
N GLY A 120 15.00 25.11 5.53
CA GLY A 120 13.81 24.85 6.32
C GLY A 120 14.04 23.77 7.37
N MET A 121 14.75 22.71 7.00
CA MET A 121 15.01 21.63 7.95
C MET A 121 15.94 22.09 9.06
N ASP A 122 16.93 22.92 8.73
CA ASP A 122 17.81 23.50 9.73
C ASP A 122 17.02 24.32 10.73
N TYR A 123 16.09 25.15 10.25
CA TYR A 123 15.25 25.92 11.16
C TYR A 123 14.42 25.00 12.03
N LEU A 124 13.77 24.01 11.43
CA LEU A 124 12.92 23.09 12.19
C LEU A 124 13.71 22.38 13.28
N HIS A 125 14.96 22.01 12.99
CA HIS A 125 15.78 21.29 13.96
C HIS A 125 16.28 22.23 15.06
N ALA A 126 16.58 23.48 14.70
CA ALA A 126 17.01 24.45 15.71
C ALA A 126 15.90 24.71 16.71
N LYS A 127 14.64 24.63 16.27
CA LYS A 127 13.50 24.70 17.16
C LYS A 127 13.13 23.34 17.75
N SER A 128 13.99 22.33 17.56
CA SER A 128 13.83 21.01 18.17
C SER A 128 12.55 20.31 17.70
N ILE A 129 12.34 20.33 16.38
CA ILE A 129 11.15 19.72 15.77
C ILE A 129 11.61 18.66 14.79
N ILE A 130 11.17 17.43 15.01
CA ILE A 130 11.46 16.31 14.12
C ILE A 130 10.37 16.24 13.07
N HIS A 131 10.77 16.27 11.79
CA HIS A 131 9.79 16.30 10.71
C HIS A 131 9.05 14.97 10.57
N ARG A 132 9.78 13.85 10.70
CA ARG A 132 9.24 12.50 10.71
C ARG A 132 8.82 12.00 9.32
N ASP A 133 8.22 12.85 8.49
CA ASP A 133 7.68 12.42 7.20
C ASP A 133 8.18 13.31 6.05
N LEU A 134 9.48 13.59 6.02
CA LEU A 134 10.03 14.37 4.93
C LEU A 134 10.02 13.56 3.64
N LYS A 135 9.55 14.20 2.55
CA LYS A 135 9.47 13.57 1.24
C LYS A 135 9.14 14.65 0.23
N SER A 136 9.30 14.31 -1.05
CA SER A 136 8.98 15.28 -2.11
C SER A 136 7.50 15.59 -2.18
N ASN A 137 6.65 14.72 -1.62
CA ASN A 137 5.22 15.03 -1.54
C ASN A 137 4.96 16.21 -0.61
N ASN A 138 5.81 16.39 0.39
CA ASN A 138 5.65 17.43 1.39
C ASN A 138 6.64 18.57 1.18
N ILE A 139 7.10 18.75 -0.07
CA ILE A 139 7.90 19.89 -0.48
C ILE A 139 7.19 20.54 -1.65
N PHE A 140 6.84 21.81 -1.50
CA PHE A 140 6.11 22.55 -2.52
C PHE A 140 6.97 23.68 -3.08
N LEU A 141 6.81 23.95 -4.37
CA LEU A 141 7.42 25.11 -5.00
C LEU A 141 6.37 26.19 -5.15
N HIS A 142 6.46 27.21 -4.30
CA HIS A 142 5.56 28.34 -4.29
C HIS A 142 6.08 29.38 -5.28
N GLU A 143 5.20 29.80 -6.20
CA GLU A 143 5.51 30.66 -7.35
C GLU A 143 6.66 30.08 -8.19
N ASP A 144 6.94 28.78 -8.01
CA ASP A 144 8.04 28.05 -8.63
C ASP A 144 9.39 28.43 -8.04
N LEU A 145 9.43 29.42 -7.14
CA LEU A 145 10.69 29.90 -6.59
C LEU A 145 10.91 29.41 -5.15
N THR A 146 10.04 29.81 -4.24
CA THR A 146 10.25 29.49 -2.83
C THR A 146 9.94 28.03 -2.56
N VAL A 147 10.73 27.40 -1.70
CA VAL A 147 10.49 26.03 -1.28
C VAL A 147 9.77 26.05 0.05
N LYS A 148 8.71 25.26 0.18
CA LYS A 148 7.89 25.25 1.39
C LYS A 148 7.76 23.81 1.87
N ILE A 149 8.13 23.56 3.12
CA ILE A 149 8.03 22.24 3.73
C ILE A 149 6.75 22.18 4.56
N GLY A 150 6.01 21.07 4.43
CA GLY A 150 4.78 20.89 5.16
C GLY A 150 4.71 19.51 5.81
N ASP A 151 3.64 19.34 6.60
CA ASP A 151 3.33 18.05 7.25
C ASP A 151 4.46 17.60 8.17
N PHE A 152 5.14 18.54 8.81
CA PHE A 152 6.18 18.24 9.77
C PHE A 152 5.58 18.06 11.16
N GLY A 153 6.28 17.29 12.00
CA GLY A 153 5.81 17.10 13.36
C GLY A 153 4.55 16.27 13.41
N LEU A 154 3.65 16.62 14.32
CA LEU A 154 2.34 16.00 14.45
C LEU A 154 2.44 14.52 14.82
N ALA A 155 3.43 14.17 15.64
CA ALA A 155 3.63 12.77 16.01
C ALA A 155 2.41 12.20 16.74
N THR A 156 1.75 13.03 17.55
CA THR A 156 0.65 12.56 18.37
C THR A 156 -0.56 12.10 17.55
N VAL A 157 -0.68 12.54 16.30
CA VAL A 157 -1.79 12.16 15.45
C VAL A 157 -1.35 11.31 14.26
N LYS A 158 -0.05 11.03 14.12
CA LYS A 158 0.41 10.09 13.11
C LYS A 158 0.32 8.65 13.60
N SER A 159 -0.01 8.45 14.87
CA SER A 159 -0.26 7.12 15.42
C SER A 159 -1.49 7.20 16.31
N ARG A 160 -1.93 6.05 16.81
CA ARG A 160 -3.16 5.97 17.58
C ARG A 160 -2.91 5.23 18.89
N TRP A 161 -3.66 5.63 19.92
CA TRP A 161 -3.32 5.35 21.31
C TRP A 161 -4.34 4.40 21.94
N SER A 162 -3.95 3.85 23.09
CA SER A 162 -4.83 3.08 23.98
C SER A 162 -4.50 3.50 25.41
N GLY A 163 -4.92 4.70 25.78
CA GLY A 163 -4.56 5.26 27.08
C GLY A 163 -3.53 6.35 26.93
N SER A 164 -2.50 6.32 27.78
CA SER A 164 -1.41 7.28 27.68
C SER A 164 -0.25 6.76 26.85
N HIS A 165 -0.06 5.44 26.81
CA HIS A 165 0.96 4.86 25.94
C HIS A 165 0.46 4.84 24.51
N GLN A 166 1.30 5.29 23.58
CA GLN A 166 0.92 5.39 22.18
C GLN A 166 1.54 4.26 21.36
N PHE A 167 0.74 3.69 20.46
CA PHE A 167 1.27 2.75 19.49
C PHE A 167 2.15 3.48 18.48
N GLU A 168 2.92 2.70 17.73
CA GLU A 168 3.86 3.25 16.77
C GLU A 168 3.85 2.38 15.51
N GLN A 169 3.61 3.00 14.36
CA GLN A 169 3.38 2.25 13.13
C GLN A 169 3.85 3.03 11.92
N LEU A 170 4.26 2.30 10.89
CA LEU A 170 4.71 2.90 9.63
C LEU A 170 3.52 3.35 8.80
N SER A 171 3.71 4.44 8.05
CA SER A 171 2.64 5.05 7.30
C SER A 171 3.12 5.53 5.94
N GLY A 172 2.24 5.45 4.95
CA GLY A 172 2.50 6.07 3.67
C GLY A 172 3.58 5.34 2.88
N SER A 173 4.55 6.10 2.39
CA SER A 173 5.62 5.56 1.57
C SER A 173 6.78 5.05 2.42
N ILE A 174 7.47 4.03 1.91
CA ILE A 174 8.65 3.47 2.57
C ILE A 174 9.96 4.02 2.03
N LEU A 175 9.93 4.78 0.95
CA LEU A 175 11.16 5.11 0.24
C LEU A 175 12.04 6.06 1.05
N TRP A 176 11.43 6.90 1.87
CA TRP A 176 12.14 7.93 2.60
C TRP A 176 12.50 7.52 4.03
N MET A 177 12.14 6.31 4.44
CA MET A 177 12.34 5.86 5.81
C MET A 177 13.75 5.30 6.01
N ALA A 178 14.42 5.80 7.05
CA ALA A 178 15.72 5.26 7.43
C ALA A 178 15.58 3.84 7.94
N PRO A 179 16.65 3.04 7.87
CA PRO A 179 16.57 1.66 8.37
C PRO A 179 16.07 1.54 9.79
N GLU A 180 16.55 2.39 10.71
CA GLU A 180 16.09 2.33 12.09
C GLU A 180 14.61 2.65 12.20
N VAL A 181 14.09 3.50 11.31
CA VAL A 181 12.67 3.78 11.29
C VAL A 181 11.90 2.57 10.79
N ILE A 182 12.40 1.92 9.72
CA ILE A 182 11.79 0.70 9.21
C ILE A 182 11.69 -0.34 10.31
N ARG A 183 12.76 -0.50 11.08
CA ARG A 183 12.86 -1.63 12.01
C ARG A 183 11.99 -1.44 13.25
N MET A 184 11.90 -0.21 13.77
CA MET A 184 11.23 0.12 15.02
C MET A 184 11.86 -0.56 16.23
N GLN A 185 13.04 -1.17 16.05
CA GLN A 185 13.68 -1.89 17.15
C GLN A 185 14.23 -0.93 18.19
N ASP A 186 14.86 0.15 17.74
CA ASP A 186 15.43 1.13 18.65
C ASP A 186 14.31 1.84 19.42
N LYS A 187 14.63 2.25 20.66
CA LYS A 187 13.62 2.80 21.56
C LYS A 187 12.84 3.94 20.90
N ASN A 188 13.54 5.01 20.54
CA ASN A 188 12.93 6.09 19.76
C ASN A 188 13.59 6.13 18.40
N PRO A 189 12.92 5.68 17.34
CA PRO A 189 13.57 5.61 16.02
C PRO A 189 13.68 6.96 15.33
N TYR A 190 12.69 7.83 15.57
CA TYR A 190 12.64 9.11 14.88
C TYR A 190 13.60 10.10 15.54
N SER A 191 14.39 10.78 14.72
CA SER A 191 15.44 11.66 15.20
C SER A 191 15.74 12.69 14.12
N PHE A 192 16.64 13.61 14.45
CA PHE A 192 17.18 14.50 13.43
C PHE A 192 17.79 13.71 12.27
N GLN A 193 18.43 12.58 12.60
CA GLN A 193 19.15 11.81 11.60
C GLN A 193 18.21 11.05 10.67
N SER A 194 17.04 10.64 11.16
CA SER A 194 16.04 10.06 10.27
C SER A 194 15.59 11.09 9.22
N ASP A 195 15.37 12.33 9.66
CA ASP A 195 15.08 13.40 8.71
C ASP A 195 16.24 13.61 7.75
N VAL A 196 17.48 13.42 8.23
CA VAL A 196 18.64 13.55 7.35
C VAL A 196 18.63 12.48 6.27
N TYR A 197 18.27 11.24 6.65
CA TYR A 197 18.17 10.17 5.65
C TYR A 197 17.09 10.48 4.62
N ALA A 198 15.94 10.97 5.09
CA ALA A 198 14.88 11.35 4.16
C ALA A 198 15.35 12.46 3.22
N PHE A 199 16.11 13.41 3.74
CA PHE A 199 16.68 14.47 2.92
C PHE A 199 17.66 13.90 1.90
N GLY A 200 18.39 12.85 2.27
CA GLY A 200 19.26 12.20 1.31
C GLY A 200 18.49 11.55 0.19
N ILE A 201 17.35 10.95 0.51
CA ILE A 201 16.48 10.41 -0.53
C ILE A 201 15.95 11.52 -1.43
N VAL A 202 15.65 12.68 -0.84
CA VAL A 202 15.21 13.83 -1.65
C VAL A 202 16.33 14.27 -2.59
N LEU A 203 17.56 14.28 -2.09
CA LEU A 203 18.71 14.60 -2.94
C LEU A 203 18.85 13.60 -4.07
N TYR A 204 18.63 12.32 -3.77
CA TYR A 204 18.62 11.30 -4.80
C TYR A 204 17.58 11.60 -5.87
N GLU A 205 16.38 11.98 -5.45
CA GLU A 205 15.35 12.38 -6.40
C GLU A 205 15.83 13.53 -7.27
N LEU A 206 16.44 14.53 -6.65
CA LEU A 206 16.84 15.73 -7.38
C LEU A 206 17.95 15.43 -8.38
N MET A 207 18.87 14.54 -8.02
CA MET A 207 20.07 14.31 -8.81
C MET A 207 19.95 13.12 -9.76
N THR A 208 18.87 12.34 -9.66
CA THR A 208 18.61 11.25 -10.59
C THR A 208 17.33 11.40 -11.36
N GLY A 209 16.41 12.26 -10.91
CA GLY A 209 15.13 12.40 -11.57
C GLY A 209 14.24 11.21 -11.30
N GLN A 210 14.72 10.30 -10.44
CA GLN A 210 14.05 9.03 -10.20
C GLN A 210 13.81 8.83 -8.71
N LEU A 211 12.80 8.03 -8.40
CA LEU A 211 12.68 7.49 -7.07
C LEU A 211 13.70 6.36 -6.89
N PRO A 212 14.19 6.14 -5.67
CA PRO A 212 15.10 5.03 -5.45
C PRO A 212 14.39 3.69 -5.61
N TYR A 213 15.21 2.66 -5.80
CA TYR A 213 14.71 1.29 -5.99
C TYR A 213 13.74 1.21 -7.16
N SER A 214 14.13 1.80 -8.29
CA SER A 214 13.26 1.83 -9.45
C SER A 214 13.10 0.45 -10.06
N ASN A 215 14.12 -0.40 -9.95
CA ASN A 215 14.03 -1.74 -10.53
C ASN A 215 13.17 -2.66 -9.68
N ILE A 216 13.11 -2.43 -8.37
CA ILE A 216 12.40 -3.31 -7.47
C ILE A 216 10.92 -2.94 -7.46
N ASN A 217 10.06 -3.94 -7.67
CA ASN A 217 8.62 -3.74 -7.72
C ASN A 217 7.89 -4.41 -6.57
N ASN A 218 8.62 -4.86 -5.54
CA ASN A 218 8.01 -5.45 -4.36
C ASN A 218 8.21 -4.50 -3.19
N ARG A 219 7.08 -4.02 -2.64
CA ARG A 219 7.12 -3.16 -1.47
C ARG A 219 7.78 -3.86 -0.28
N ASP A 220 7.30 -5.06 0.05
CA ASP A 220 7.78 -5.74 1.24
C ASP A 220 9.24 -6.15 1.11
N GLN A 221 9.68 -6.44 -0.12
CA GLN A 221 11.11 -6.66 -0.35
C GLN A 221 11.91 -5.43 0.06
N ILE A 222 11.46 -4.24 -0.35
CA ILE A 222 12.15 -3.02 0.02
C ILE A 222 12.18 -2.86 1.54
N ILE A 223 11.02 -3.04 2.19
CA ILE A 223 10.97 -2.92 3.65
C ILE A 223 12.01 -3.83 4.29
N PHE A 224 11.94 -5.14 3.98
CA PHE A 224 12.83 -6.11 4.60
C PHE A 224 14.30 -5.78 4.32
N MET A 225 14.66 -5.61 3.05
CA MET A 225 16.07 -5.48 2.69
C MET A 225 16.65 -4.16 3.19
N VAL A 226 15.90 -3.07 3.08
CA VAL A 226 16.40 -1.79 3.58
C VAL A 226 16.55 -1.84 5.10
N GLY A 227 15.60 -2.48 5.80
CA GLY A 227 15.70 -2.55 7.25
C GLY A 227 16.85 -3.42 7.71
N ARG A 228 17.12 -4.50 6.98
CA ARG A 228 18.22 -5.39 7.32
C ARG A 228 19.58 -4.82 6.92
N GLY A 229 19.61 -3.78 6.10
CA GLY A 229 20.87 -3.26 5.59
C GLY A 229 21.36 -3.92 4.33
N TYR A 230 20.53 -4.71 3.67
CA TYR A 230 20.93 -5.41 2.45
C TYR A 230 20.75 -4.55 1.20
N LEU A 231 20.09 -3.40 1.30
CA LEU A 231 19.71 -2.62 0.14
C LEU A 231 19.81 -1.14 0.44
N SER A 232 20.39 -0.40 -0.50
CA SER A 232 20.60 1.03 -0.41
C SER A 232 20.36 1.63 -1.79
N PRO A 233 20.01 2.90 -1.88
CA PRO A 233 19.84 3.52 -3.20
C PRO A 233 21.09 3.39 -4.06
N ASP A 234 20.87 3.05 -5.33
CA ASP A 234 21.96 2.85 -6.29
C ASP A 234 22.40 4.23 -6.76
N LEU A 235 23.49 4.73 -6.18
CA LEU A 235 23.96 6.08 -6.48
C LEU A 235 24.57 6.21 -7.87
N SER A 236 24.79 5.10 -8.58
CA SER A 236 25.29 5.20 -9.95
C SER A 236 24.26 5.74 -10.92
N LYS A 237 22.99 5.80 -10.51
CA LYS A 237 21.94 6.43 -11.33
C LYS A 237 22.06 7.94 -11.35
N VAL A 238 22.97 8.51 -10.56
CA VAL A 238 23.14 9.96 -10.52
C VAL A 238 23.63 10.47 -11.86
N ARG A 239 23.05 11.59 -12.29
CA ARG A 239 23.32 12.15 -13.61
C ARG A 239 24.76 12.65 -13.70
N SER A 240 25.22 12.88 -14.93
CA SER A 240 26.61 13.27 -15.16
C SER A 240 26.88 14.69 -14.69
N ASN A 241 25.91 15.59 -14.83
CA ASN A 241 26.08 16.98 -14.44
C ASN A 241 25.96 17.21 -12.94
N CYS A 242 25.82 16.15 -12.16
CA CYS A 242 25.69 16.29 -10.71
C CYS A 242 27.06 16.49 -10.08
N PRO A 243 27.28 17.57 -9.34
CA PRO A 243 28.60 17.81 -8.72
C PRO A 243 29.00 16.67 -7.80
N LYS A 244 30.30 16.34 -7.85
CA LYS A 244 30.84 15.24 -7.05
C LYS A 244 30.57 15.47 -5.57
N ALA A 245 30.69 16.72 -5.12
CA ALA A 245 30.44 17.03 -3.71
C ALA A 245 28.99 16.74 -3.32
N MET A 246 28.05 16.99 -4.25
CA MET A 246 26.66 16.68 -3.96
C MET A 246 26.43 15.18 -3.84
N LYS A 247 27.08 14.40 -4.71
CA LYS A 247 27.01 12.94 -4.61
C LYS A 247 27.55 12.46 -3.28
N ARG A 248 28.68 13.01 -2.84
CA ARG A 248 29.28 12.58 -1.58
C ARG A 248 28.43 13.00 -0.39
N LEU A 249 27.83 14.20 -0.44
CA LEU A 249 26.91 14.62 0.62
C LEU A 249 25.69 13.73 0.68
N MET A 250 25.14 13.39 -0.49
CA MET A 250 24.02 12.45 -0.56
C MET A 250 24.38 11.14 0.11
N ALA A 251 25.52 10.56 -0.25
CA ALA A 251 25.95 9.31 0.36
C ALA A 251 26.16 9.45 1.85
N GLU A 252 26.62 10.62 2.31
CA GLU A 252 26.81 10.85 3.73
C GLU A 252 25.48 10.85 4.47
N CYS A 253 24.47 11.52 3.90
CA CYS A 253 23.17 11.59 4.54
C CYS A 253 22.46 10.24 4.54
N LEU A 254 22.87 9.32 3.67
CA LEU A 254 22.16 8.07 3.47
C LEU A 254 22.79 6.90 4.22
N LYS A 255 23.73 7.18 5.14
CA LYS A 255 24.45 6.12 5.84
C LYS A 255 23.48 5.17 6.53
N LYS A 256 23.78 3.86 6.44
CA LYS A 256 22.94 2.86 7.07
C LYS A 256 22.86 3.09 8.57
N LYS A 257 23.95 3.55 9.18
CA LYS A 257 24.02 3.73 10.62
C LYS A 257 23.65 5.16 10.97
N ARG A 258 22.74 5.30 11.93
CA ARG A 258 22.17 6.61 12.26
C ARG A 258 23.23 7.60 12.71
N ASP A 259 24.16 7.17 13.57
CA ASP A 259 25.11 8.09 14.18
C ASP A 259 26.06 8.72 13.17
N GLU A 260 26.23 8.09 12.01
CA GLU A 260 27.21 8.54 11.04
C GLU A 260 26.71 9.67 10.14
N ARG A 261 25.41 9.94 10.14
CA ARG A 261 24.84 10.96 9.27
C ARG A 261 25.10 12.36 9.84
N PRO A 262 25.39 13.34 9.00
CA PRO A 262 25.62 14.69 9.48
C PRO A 262 24.32 15.39 9.87
N LEU A 263 24.47 16.44 10.68
CA LEU A 263 23.34 17.29 11.03
C LEU A 263 23.17 18.39 9.99
N PHE A 264 22.06 19.10 10.10
CA PHE A 264 21.65 20.00 9.03
C PHE A 264 22.42 21.31 8.92
N PRO A 265 23.02 21.86 9.99
CA PRO A 265 23.96 22.97 9.77
C PRO A 265 25.09 22.61 8.82
N GLN A 266 25.71 21.44 9.04
CA GLN A 266 26.80 20.99 8.16
C GLN A 266 26.29 20.72 6.75
N ILE A 267 25.11 20.10 6.64
CA ILE A 267 24.52 19.81 5.33
C ILE A 267 24.28 21.10 4.57
N LEU A 268 23.67 22.09 5.23
CA LEU A 268 23.39 23.38 4.61
C LEU A 268 24.68 24.08 4.18
N ALA A 269 25.70 24.05 5.04
CA ALA A 269 26.97 24.66 4.67
C ALA A 269 27.57 23.99 3.45
N SER A 270 27.51 22.66 3.40
CA SER A 270 28.03 21.94 2.23
C SER A 270 27.29 22.36 0.96
N ILE A 271 25.96 22.44 1.04
CA ILE A 271 25.17 22.77 -0.12
C ILE A 271 25.48 24.17 -0.61
N GLU A 272 25.59 25.14 0.31
CA GLU A 272 25.92 26.51 -0.10
C GLU A 272 27.31 26.59 -0.72
N LEU A 273 28.31 26.05 0.00
CA LEU A 273 29.67 25.91 -0.50
C LEU A 273 29.70 25.44 -1.95
N LEU A 274 29.05 24.32 -2.21
CA LEU A 274 29.09 23.75 -3.55
C LEU A 274 28.23 24.56 -4.52
N ALA A 275 27.22 25.29 -4.02
CA ALA A 275 26.45 26.16 -4.90
C ALA A 275 27.31 27.27 -5.46
N ARG A 276 28.32 27.73 -4.71
CA ARG A 276 29.28 28.66 -5.31
C ARG A 276 29.97 28.06 -6.52
N SER A 277 30.88 27.10 -6.29
CA SER A 277 31.64 26.48 -7.38
C SER A 277 30.73 25.72 -8.33
N LEU A 278 30.42 26.33 -9.48
CA LEU A 278 29.40 25.80 -10.38
C LEU A 278 29.68 26.34 -11.77
N PRO A 279 29.27 25.61 -12.83
CA PRO A 279 29.49 26.10 -14.20
C PRO A 279 28.71 27.36 -14.55
N LEU B 41 -9.56 -25.46 -22.75
CA LEU B 41 -9.82 -25.55 -21.32
C LEU B 41 -10.53 -26.86 -20.97
N GLU B 42 -10.78 -27.09 -19.69
CA GLU B 42 -11.38 -28.33 -19.20
C GLU B 42 -12.60 -27.97 -18.34
N LEU B 43 -13.69 -27.63 -18.99
CA LEU B 43 -14.91 -27.19 -18.31
C LEU B 43 -16.01 -28.24 -18.43
N ASP B 44 -16.79 -28.39 -17.36
CA ASP B 44 -18.03 -29.13 -17.45
C ASP B 44 -19.09 -28.25 -18.09
N GLU B 45 -20.29 -28.80 -18.26
CA GLU B 45 -21.29 -28.12 -19.06
C GLU B 45 -21.77 -26.84 -18.38
N GLN B 46 -21.89 -26.85 -17.05
CA GLN B 46 -22.34 -25.67 -16.33
C GLN B 46 -21.34 -24.53 -16.44
N GLN B 47 -20.06 -24.84 -16.23
CA GLN B 47 -19.04 -23.80 -16.31
C GLN B 47 -18.96 -23.21 -17.71
N ARG B 48 -18.96 -24.08 -18.73
CA ARG B 48 -18.91 -23.60 -20.11
C ARG B 48 -20.12 -22.74 -20.44
N LYS B 49 -21.31 -23.16 -20.00
CA LYS B 49 -22.51 -22.36 -20.18
C LYS B 49 -22.36 -20.98 -19.54
N ARG B 50 -21.86 -20.93 -18.31
CA ARG B 50 -21.75 -19.66 -17.59
C ARG B 50 -20.74 -18.72 -18.25
N LEU B 51 -19.61 -19.25 -18.72
CA LEU B 51 -18.65 -18.37 -19.40
C LEU B 51 -19.17 -17.86 -20.74
N GLU B 52 -19.81 -18.73 -21.53
CA GLU B 52 -20.42 -18.26 -22.78
C GLU B 52 -21.43 -17.15 -22.50
N ALA B 53 -22.23 -17.32 -21.44
CA ALA B 53 -23.19 -16.30 -21.04
C ALA B 53 -22.50 -15.00 -20.66
N PHE B 54 -21.40 -15.09 -19.91
CA PHE B 54 -20.66 -13.88 -19.52
C PHE B 54 -20.20 -13.10 -20.74
N LEU B 55 -19.57 -13.79 -21.70
CA LEU B 55 -19.08 -13.10 -22.89
C LEU B 55 -20.23 -12.43 -23.64
N THR B 56 -21.36 -13.13 -23.77
CA THR B 56 -22.50 -12.50 -24.44
C THR B 56 -23.04 -11.31 -23.66
N GLN B 57 -22.90 -11.31 -22.33
CA GLN B 57 -23.21 -10.10 -21.55
C GLN B 57 -22.25 -8.97 -21.88
N LYS B 58 -20.97 -9.30 -21.97
CA LYS B 58 -19.94 -8.32 -22.32
C LYS B 58 -20.23 -7.64 -23.65
N GLN B 59 -20.92 -8.34 -24.55
CA GLN B 59 -21.25 -7.74 -25.84
C GLN B 59 -22.09 -6.47 -25.70
N LYS B 60 -23.01 -6.43 -24.73
CA LYS B 60 -23.82 -5.22 -24.55
C LYS B 60 -23.00 -4.02 -24.08
N VAL B 61 -21.76 -4.25 -23.64
CA VAL B 61 -20.91 -3.22 -23.07
C VAL B 61 -20.00 -2.67 -24.17
N GLY B 62 -20.09 -1.38 -24.43
CA GLY B 62 -19.24 -0.71 -25.39
C GLY B 62 -18.14 0.09 -24.71
N GLU B 63 -17.78 1.22 -25.32
CA GLU B 63 -16.79 2.11 -24.74
C GLU B 63 -17.26 2.56 -23.35
N LEU B 64 -16.38 2.36 -22.36
CA LEU B 64 -16.72 2.64 -20.97
C LEU B 64 -16.46 4.11 -20.64
N LYS B 65 -17.48 4.77 -20.11
CA LYS B 65 -17.41 6.19 -19.79
C LYS B 65 -17.79 6.41 -18.33
N ASP B 66 -17.19 7.44 -17.73
CA ASP B 66 -17.54 7.81 -16.36
C ASP B 66 -19.01 8.21 -16.26
N ASP B 67 -19.55 8.82 -17.31
CA ASP B 67 -20.94 9.28 -17.28
C ASP B 67 -21.93 8.13 -17.32
N ASP B 68 -21.54 6.98 -17.84
CA ASP B 68 -22.44 5.86 -18.04
C ASP B 68 -22.54 4.95 -16.81
N PHE B 69 -22.01 5.38 -15.67
CA PHE B 69 -21.99 4.58 -14.45
C PHE B 69 -22.80 5.28 -13.37
N GLU B 70 -23.73 4.55 -12.77
CA GLU B 70 -24.51 5.03 -11.62
C GLU B 70 -24.03 4.28 -10.39
N LYS B 71 -23.60 5.03 -9.38
CA LYS B 71 -23.09 4.41 -8.15
C LYS B 71 -24.23 3.86 -7.31
N ILE B 72 -24.09 2.61 -6.89
CA ILE B 72 -25.09 1.96 -6.05
C ILE B 72 -24.60 1.95 -4.61
N SER B 73 -23.47 1.29 -4.37
CA SER B 73 -23.04 1.12 -2.97
C SER B 73 -21.53 1.00 -2.92
N GLU B 74 -21.00 1.05 -1.69
CA GLU B 74 -19.59 0.77 -1.46
C GLU B 74 -19.41 -0.70 -1.12
N LEU B 75 -18.33 -1.28 -1.62
CA LEU B 75 -18.01 -2.68 -1.37
C LEU B 75 -16.83 -2.86 -0.41
N GLY B 76 -15.85 -1.98 -0.48
CA GLY B 76 -14.69 -2.08 0.39
C GLY B 76 -13.58 -1.20 -0.11
N ALA B 77 -12.51 -1.14 0.69
CA ALA B 77 -11.35 -0.35 0.33
C ALA B 77 -10.10 -1.04 0.87
N GLY B 78 -8.96 -0.73 0.25
CA GLY B 78 -7.70 -1.31 0.67
C GLY B 78 -6.57 -0.29 0.70
N ASN B 79 -5.34 -0.76 0.50
CA ASN B 79 -4.19 0.15 0.55
C ASN B 79 -4.23 1.17 -0.57
N GLY B 80 -4.63 0.75 -1.76
CA GLY B 80 -4.53 1.63 -2.91
C GLY B 80 -5.82 2.04 -3.58
N GLY B 81 -6.87 1.23 -3.49
CA GLY B 81 -8.07 1.44 -4.26
C GLY B 81 -9.32 1.44 -3.39
N VAL B 82 -10.42 1.85 -4.01
CA VAL B 82 -11.76 1.75 -3.42
C VAL B 82 -12.70 1.16 -4.45
N VAL B 83 -13.59 0.27 -4.01
CA VAL B 83 -14.42 -0.52 -4.91
C VAL B 83 -15.89 -0.20 -4.67
N PHE B 84 -16.66 -0.04 -5.75
CA PHE B 84 -18.07 0.33 -5.68
C PHE B 84 -18.93 -0.63 -6.48
N LYS B 85 -20.09 -0.98 -5.95
CA LYS B 85 -21.15 -1.57 -6.76
C LYS B 85 -21.80 -0.46 -7.58
N VAL B 86 -21.80 -0.63 -8.91
CA VAL B 86 -22.29 0.38 -9.84
C VAL B 86 -23.20 -0.29 -10.88
N SER B 87 -23.98 0.54 -11.56
CA SER B 87 -24.82 0.11 -12.66
C SER B 87 -24.33 0.75 -13.96
N HIS B 88 -24.05 -0.09 -14.96
CA HIS B 88 -23.71 0.40 -16.29
C HIS B 88 -25.03 0.62 -17.03
N LYS B 89 -25.51 1.88 -16.97
CA LYS B 89 -26.83 2.23 -17.53
C LYS B 89 -27.04 1.79 -18.97
N PRO B 90 -26.09 1.95 -19.90
CA PRO B 90 -26.33 1.50 -21.28
C PRO B 90 -26.77 0.05 -21.40
N SER B 91 -26.08 -0.86 -20.70
CA SER B 91 -26.40 -2.27 -20.77
C SER B 91 -27.27 -2.76 -19.63
N GLY B 92 -27.55 -1.91 -18.64
CA GLY B 92 -28.24 -2.33 -17.43
C GLY B 92 -27.41 -3.18 -16.49
N LEU B 93 -26.23 -3.62 -16.91
CA LEU B 93 -25.43 -4.55 -16.12
C LEU B 93 -24.97 -3.91 -14.81
N VAL B 94 -24.70 -4.76 -13.83
CA VAL B 94 -24.20 -4.34 -12.52
C VAL B 94 -22.76 -4.83 -12.39
N MET B 95 -21.87 -3.95 -11.95
CA MET B 95 -20.45 -4.23 -11.94
C MET B 95 -19.83 -3.80 -10.62
N ALA B 96 -18.60 -4.25 -10.38
CA ALA B 96 -17.76 -3.78 -9.29
C ALA B 96 -16.65 -2.94 -9.89
N ARG B 97 -16.59 -1.68 -9.51
CA ARG B 97 -15.68 -0.71 -10.11
C ARG B 97 -14.60 -0.38 -9.08
N LYS B 98 -13.38 -0.83 -9.33
CA LYS B 98 -12.22 -0.50 -8.53
C LYS B 98 -11.62 0.81 -9.05
N LEU B 99 -11.28 1.72 -8.15
CA LEU B 99 -10.67 2.98 -8.49
C LEU B 99 -9.33 3.08 -7.77
N ILE B 100 -8.27 3.34 -8.54
CA ILE B 100 -6.92 3.50 -8.02
C ILE B 100 -6.43 4.89 -8.39
N HIS B 101 -5.99 5.64 -7.37
CA HIS B 101 -5.42 6.97 -7.57
C HIS B 101 -3.90 6.86 -7.51
N LEU B 102 -3.25 6.99 -8.66
CA LEU B 102 -1.80 6.92 -8.77
C LEU B 102 -1.26 8.25 -9.29
N GLU B 103 -0.33 8.83 -8.56
CA GLU B 103 0.34 10.07 -8.96
C GLU B 103 1.56 9.67 -9.77
N ILE B 104 1.36 9.50 -11.08
CA ILE B 104 2.37 8.93 -11.96
C ILE B 104 2.33 9.64 -13.31
N LYS B 105 3.47 9.59 -14.02
CA LYS B 105 3.62 10.11 -15.37
C LYS B 105 2.45 9.64 -16.22
N PRO B 106 1.89 10.51 -17.08
CA PRO B 106 0.83 10.04 -17.99
C PRO B 106 1.24 8.87 -18.85
N ALA B 107 2.49 8.82 -19.31
CA ALA B 107 2.94 7.69 -20.12
C ALA B 107 2.82 6.39 -19.36
N ILE B 108 3.18 6.38 -18.08
CA ILE B 108 3.08 5.17 -17.26
C ILE B 108 1.62 4.76 -17.11
N ARG B 109 0.74 5.73 -16.84
CA ARG B 109 -0.69 5.44 -16.71
C ARG B 109 -1.25 4.85 -18.00
N ASN B 110 -0.85 5.40 -19.15
CA ASN B 110 -1.33 4.89 -20.43
C ASN B 110 -0.82 3.47 -20.67
N GLN B 111 0.44 3.21 -20.33
CA GLN B 111 0.96 1.85 -20.45
C GLN B 111 0.20 0.89 -19.54
N ILE B 112 -0.19 1.36 -18.35
CA ILE B 112 -0.96 0.50 -17.44
C ILE B 112 -2.32 0.17 -18.04
N ILE B 113 -3.00 1.20 -18.55
CA ILE B 113 -4.30 0.98 -19.19
C ILE B 113 -4.17 0.01 -20.36
N ARG B 114 -3.08 0.13 -21.12
CA ARG B 114 -2.86 -0.76 -22.26
C ARG B 114 -2.63 -2.20 -21.80
N GLU B 115 -1.75 -2.39 -20.81
CA GLU B 115 -1.45 -3.73 -20.32
C GLU B 115 -2.67 -4.37 -19.69
N LEU B 116 -3.55 -3.58 -19.08
CA LEU B 116 -4.71 -4.13 -18.40
C LEU B 116 -5.71 -4.74 -19.37
N GLN B 117 -5.65 -4.37 -20.65
CA GLN B 117 -6.62 -4.89 -21.62
C GLN B 117 -6.41 -6.38 -21.90
N VAL B 118 -5.27 -6.94 -21.51
CA VAL B 118 -5.04 -8.37 -21.60
C VAL B 118 -6.07 -9.14 -20.78
N LEU B 119 -6.65 -8.50 -19.76
CA LEU B 119 -7.66 -9.14 -18.94
C LEU B 119 -8.88 -9.56 -19.76
N HIS B 120 -9.06 -9.01 -20.96
CA HIS B 120 -10.11 -9.48 -21.85
C HIS B 120 -9.89 -10.93 -22.27
N GLU B 121 -8.63 -11.36 -22.30
CA GLU B 121 -8.28 -12.71 -22.73
C GLU B 121 -8.25 -13.71 -21.58
N CYS B 122 -8.51 -13.28 -20.34
CA CYS B 122 -8.34 -14.11 -19.16
C CYS B 122 -9.72 -14.59 -18.70
N ASN B 123 -10.24 -15.60 -19.40
CA ASN B 123 -11.57 -16.13 -19.13
C ASN B 123 -11.46 -17.54 -18.57
N SER B 124 -11.99 -17.73 -17.38
CA SER B 124 -11.93 -18.99 -16.66
C SER B 124 -13.01 -18.98 -15.59
N PRO B 125 -13.50 -20.16 -15.16
CA PRO B 125 -14.41 -20.18 -14.02
C PRO B 125 -13.73 -19.85 -12.70
N TYR B 126 -12.40 -19.77 -12.68
CA TYR B 126 -11.64 -19.49 -11.47
C TYR B 126 -11.00 -18.12 -11.49
N ILE B 127 -11.39 -17.27 -12.43
CA ILE B 127 -10.87 -15.90 -12.56
C ILE B 127 -12.05 -14.95 -12.61
N VAL B 128 -11.97 -13.85 -11.85
CA VAL B 128 -13.05 -12.87 -11.83
C VAL B 128 -13.24 -12.28 -13.21
N GLY B 129 -14.49 -12.09 -13.61
CA GLY B 129 -14.78 -11.55 -14.93
C GLY B 129 -14.37 -10.09 -15.04
N PHE B 130 -13.88 -9.73 -16.23
CA PHE B 130 -13.38 -8.39 -16.52
C PHE B 130 -14.24 -7.77 -17.62
N TYR B 131 -14.71 -6.54 -17.39
CA TYR B 131 -15.54 -5.84 -18.35
C TYR B 131 -14.79 -4.75 -19.10
N GLY B 132 -13.86 -4.07 -18.44
CA GLY B 132 -13.12 -3.00 -19.09
C GLY B 132 -12.30 -2.18 -18.12
N ALA B 133 -11.35 -1.42 -18.65
CA ALA B 133 -10.51 -0.54 -17.83
C ALA B 133 -10.27 0.77 -18.58
N PHE B 134 -10.33 1.88 -17.84
CA PHE B 134 -10.18 3.19 -18.43
C PHE B 134 -9.68 4.19 -17.39
N TYR B 135 -9.37 5.39 -17.86
CA TYR B 135 -8.87 6.47 -17.04
C TYR B 135 -9.81 7.67 -17.13
N SER B 136 -10.00 8.36 -16.00
CA SER B 136 -10.88 9.52 -15.95
C SER B 136 -10.73 10.21 -14.61
N ASP B 137 -10.68 11.54 -14.63
CA ASP B 137 -10.63 12.37 -13.42
C ASP B 137 -9.51 11.93 -12.48
N GLY B 138 -8.35 11.63 -13.06
CA GLY B 138 -7.17 11.33 -12.28
C GLY B 138 -7.08 9.95 -11.69
N GLU B 139 -8.01 9.05 -12.03
CA GLU B 139 -8.07 7.75 -11.38
C GLU B 139 -8.30 6.66 -12.41
N ILE B 140 -7.66 5.51 -12.19
CA ILE B 140 -7.83 4.35 -13.05
C ILE B 140 -9.01 3.52 -12.55
N SER B 141 -9.89 3.15 -13.47
CA SER B 141 -11.07 2.36 -13.16
C SER B 141 -10.91 0.96 -13.77
N ILE B 142 -11.06 -0.05 -12.93
CA ILE B 142 -11.10 -1.45 -13.38
C ILE B 142 -12.48 -1.99 -13.06
N CYS B 143 -13.21 -2.39 -14.11
CA CYS B 143 -14.59 -2.84 -13.96
C CYS B 143 -14.65 -4.36 -14.04
N MET B 144 -15.27 -4.98 -13.03
CA MET B 144 -15.25 -6.41 -12.85
C MET B 144 -16.65 -6.94 -12.61
N GLU B 145 -16.78 -8.25 -12.76
CA GLU B 145 -17.95 -8.98 -12.26
C GLU B 145 -18.15 -8.72 -10.78
N HIS B 146 -19.39 -8.43 -10.38
CA HIS B 146 -19.70 -8.30 -8.97
C HIS B 146 -19.91 -9.68 -8.36
N MET B 147 -19.15 -9.96 -7.29
CA MET B 147 -19.24 -11.21 -6.57
C MET B 147 -19.97 -10.94 -5.26
N ASP B 148 -21.24 -11.36 -5.18
CA ASP B 148 -22.08 -10.95 -4.07
C ASP B 148 -21.60 -11.50 -2.73
N GLY B 149 -20.70 -12.49 -2.72
CA GLY B 149 -20.18 -12.98 -1.46
C GLY B 149 -19.01 -12.19 -0.92
N GLY B 150 -18.39 -11.38 -1.75
CA GLY B 150 -17.24 -10.62 -1.30
C GLY B 150 -15.96 -11.42 -1.37
N SER B 151 -14.97 -10.97 -0.62
CA SER B 151 -13.70 -11.68 -0.51
C SER B 151 -13.71 -12.60 0.70
N LEU B 152 -12.87 -13.63 0.65
CA LEU B 152 -12.78 -14.55 1.79
C LEU B 152 -12.25 -13.86 3.04
N ASP B 153 -11.67 -12.68 2.91
CA ASP B 153 -11.34 -11.86 4.07
C ASP B 153 -12.62 -11.46 4.82
N GLN B 154 -13.57 -10.86 4.09
CA GLN B 154 -14.85 -10.49 4.66
C GLN B 154 -15.59 -11.71 5.19
N VAL B 155 -15.61 -12.79 4.40
CA VAL B 155 -16.32 -14.00 4.79
C VAL B 155 -15.69 -14.60 6.05
N LEU B 156 -14.37 -14.52 6.15
CA LEU B 156 -13.68 -15.00 7.36
C LEU B 156 -14.12 -14.19 8.58
N LYS B 157 -14.18 -12.87 8.45
CA LYS B 157 -14.63 -12.06 9.57
C LYS B 157 -16.07 -12.38 9.96
N LYS B 158 -16.92 -12.67 8.97
CA LYS B 158 -18.31 -13.03 9.30
C LYS B 158 -18.44 -14.46 9.79
N ALA B 159 -17.43 -15.31 9.60
CA ALA B 159 -17.49 -16.71 9.97
C ALA B 159 -16.68 -17.07 11.19
N GLY B 160 -15.72 -16.24 11.59
CA GLY B 160 -14.80 -16.60 12.63
C GLY B 160 -13.70 -17.49 12.09
N ARG B 161 -14.05 -18.74 11.78
CA ARG B 161 -13.16 -19.67 11.11
C ARG B 161 -13.92 -20.34 9.97
N ILE B 162 -13.19 -20.71 8.93
CA ILE B 162 -13.78 -21.39 7.77
C ILE B 162 -13.48 -22.87 7.88
N PRO B 163 -14.49 -23.74 7.75
CA PRO B 163 -14.26 -25.18 7.97
C PRO B 163 -13.35 -25.79 6.91
N GLU B 164 -12.53 -26.74 7.36
CA GLU B 164 -11.59 -27.45 6.49
C GLU B 164 -12.25 -27.94 5.20
N GLN B 165 -13.48 -28.44 5.30
CA GLN B 165 -14.15 -29.01 4.14
C GLN B 165 -14.49 -27.95 3.11
N ILE B 166 -14.66 -26.70 3.55
CA ILE B 166 -14.85 -25.58 2.63
C ILE B 166 -13.50 -25.14 2.05
N LEU B 167 -12.48 -25.06 2.91
CA LEU B 167 -11.15 -24.69 2.47
C LEU B 167 -10.59 -25.66 1.44
N GLY B 168 -11.08 -26.90 1.40
CA GLY B 168 -10.66 -27.82 0.36
C GLY B 168 -11.12 -27.39 -1.02
N LYS B 169 -12.41 -27.06 -1.15
CA LYS B 169 -12.93 -26.53 -2.40
C LYS B 169 -12.21 -25.23 -2.77
N VAL B 170 -11.96 -24.39 -1.76
CA VAL B 170 -11.24 -23.13 -2.00
C VAL B 170 -9.85 -23.42 -2.57
N SER B 171 -9.15 -24.40 -1.98
CA SER B 171 -7.82 -24.75 -2.43
C SER B 171 -7.85 -25.26 -3.87
N ILE B 172 -8.82 -26.11 -4.19
CA ILE B 172 -8.96 -26.59 -5.56
C ILE B 172 -9.12 -25.41 -6.52
N ALA B 173 -10.02 -24.49 -6.19
CA ALA B 173 -10.28 -23.37 -7.11
C ALA B 173 -9.06 -22.49 -7.27
N VAL B 174 -8.33 -22.24 -6.18
CA VAL B 174 -7.16 -21.36 -6.24
C VAL B 174 -6.06 -22.03 -7.05
N ILE B 175 -5.82 -23.32 -6.81
CA ILE B 175 -4.81 -24.04 -7.58
C ILE B 175 -5.15 -24.01 -9.06
N LYS B 176 -6.41 -24.23 -9.40
CA LYS B 176 -6.80 -24.30 -10.80
C LYS B 176 -6.74 -22.93 -11.47
N GLY B 177 -7.02 -21.86 -10.72
CA GLY B 177 -6.92 -20.53 -11.31
C GLY B 177 -5.48 -20.12 -11.54
N LEU B 178 -4.61 -20.39 -10.55
CA LEU B 178 -3.18 -20.16 -10.73
C LEU B 178 -2.66 -20.94 -11.93
N THR B 179 -3.16 -22.18 -12.10
CA THR B 179 -2.75 -23.01 -13.21
C THR B 179 -3.20 -22.43 -14.54
N TYR B 180 -4.46 -21.98 -14.61
CA TYR B 180 -4.94 -21.33 -15.83
C TYR B 180 -4.08 -20.13 -16.18
N LEU B 181 -3.74 -19.31 -15.17
CA LEU B 181 -2.93 -18.14 -15.41
C LEU B 181 -1.55 -18.51 -15.95
N ARG B 182 -0.94 -19.56 -15.39
CA ARG B 182 0.41 -19.92 -15.82
C ARG B 182 0.42 -20.61 -17.17
N GLU B 183 -0.64 -21.35 -17.50
CA GLU B 183 -0.64 -22.18 -18.70
C GLU B 183 -1.27 -21.51 -19.91
N LYS B 184 -2.11 -20.50 -19.71
CA LYS B 184 -2.69 -19.77 -20.83
C LYS B 184 -2.05 -18.41 -21.05
N HIS B 185 -1.38 -17.86 -20.04
CA HIS B 185 -0.85 -16.50 -20.14
C HIS B 185 0.54 -16.34 -19.55
N LYS B 186 1.13 -17.40 -18.97
CA LYS B 186 2.43 -17.32 -18.31
C LYS B 186 2.44 -16.21 -17.25
N ILE B 187 1.33 -16.10 -16.52
CA ILE B 187 1.17 -15.11 -15.47
C ILE B 187 1.16 -15.83 -14.13
N MET B 188 1.98 -15.36 -13.19
CA MET B 188 1.85 -15.75 -11.81
C MET B 188 1.05 -14.67 -11.09
N HIS B 189 0.18 -15.10 -10.16
CA HIS B 189 -0.81 -14.22 -9.57
C HIS B 189 -0.15 -13.01 -8.91
N ARG B 190 0.89 -13.25 -8.11
CA ARG B 190 1.76 -12.29 -7.46
C ARG B 190 1.14 -11.70 -6.19
N ASP B 191 -0.15 -11.91 -5.91
CA ASP B 191 -0.77 -11.38 -4.70
C ASP B 191 -1.92 -12.31 -4.30
N VAL B 192 -1.58 -13.52 -3.90
CA VAL B 192 -2.55 -14.44 -3.34
C VAL B 192 -2.73 -14.13 -1.87
N LYS B 193 -4.00 -13.95 -1.45
CA LYS B 193 -4.38 -13.71 -0.07
C LYS B 193 -5.90 -13.69 0.03
N PRO B 194 -6.48 -13.78 1.24
CA PRO B 194 -7.96 -13.86 1.32
C PRO B 194 -8.67 -12.71 0.64
N SER B 195 -8.09 -11.51 0.66
CA SER B 195 -8.76 -10.35 0.09
C SER B 195 -8.96 -10.49 -1.41
N ASN B 196 -8.13 -11.30 -2.07
CA ASN B 196 -8.16 -11.43 -3.51
C ASN B 196 -8.68 -12.79 -3.96
N ILE B 197 -9.38 -13.51 -3.08
CA ILE B 197 -10.18 -14.67 -3.45
C ILE B 197 -11.64 -14.27 -3.24
N LEU B 198 -12.39 -14.19 -4.33
CA LEU B 198 -13.77 -13.73 -4.30
C LEU B 198 -14.72 -14.91 -4.45
N VAL B 199 -15.92 -14.76 -3.88
CA VAL B 199 -16.93 -15.82 -3.86
C VAL B 199 -18.30 -15.20 -4.11
N ASN B 200 -19.26 -16.06 -4.48
CA ASN B 200 -20.61 -15.59 -4.76
C ASN B 200 -21.62 -16.67 -4.43
N SER B 201 -22.89 -16.28 -4.44
CA SER B 201 -23.97 -17.18 -4.03
C SER B 201 -24.11 -18.37 -4.97
N ARG B 202 -23.80 -18.18 -6.25
CA ARG B 202 -23.86 -19.29 -7.20
C ARG B 202 -22.78 -20.35 -6.96
N GLY B 203 -21.98 -20.20 -5.90
CA GLY B 203 -21.02 -21.19 -5.48
C GLY B 203 -19.59 -20.89 -5.89
N GLU B 204 -19.39 -20.01 -6.87
CA GLU B 204 -18.09 -19.89 -7.53
C GLU B 204 -17.04 -19.29 -6.61
N ILE B 205 -15.79 -19.70 -6.84
CA ILE B 205 -14.62 -19.16 -6.15
C ILE B 205 -13.61 -18.75 -7.20
N LYS B 206 -13.23 -17.47 -7.21
CA LYS B 206 -12.47 -16.90 -8.31
C LYS B 206 -11.31 -16.07 -7.77
N LEU B 207 -10.22 -16.01 -8.52
CA LEU B 207 -9.09 -15.18 -8.14
C LEU B 207 -9.22 -13.78 -8.73
N CYS B 208 -8.58 -12.81 -8.07
CA CYS B 208 -8.76 -11.41 -8.38
C CYS B 208 -7.47 -10.66 -8.08
N ASP B 209 -7.38 -9.43 -8.58
CA ASP B 209 -6.26 -8.51 -8.30
C ASP B 209 -4.90 -9.17 -8.57
N PHE B 210 -4.80 -9.94 -9.65
CA PHE B 210 -3.53 -10.57 -9.95
C PHE B 210 -2.70 -9.69 -10.88
N GLY B 211 -1.38 -9.96 -10.89
CA GLY B 211 -0.44 -9.11 -11.58
C GLY B 211 -0.38 -9.23 -13.09
N VAL B 212 -1.43 -8.75 -13.78
CA VAL B 212 -1.42 -8.76 -15.24
C VAL B 212 -0.56 -7.63 -15.79
N SER B 213 -0.34 -6.57 -15.02
CA SER B 213 0.35 -5.37 -15.48
C SER B 213 1.58 -5.13 -14.63
N GLY B 214 2.75 -5.14 -15.26
CA GLY B 214 3.99 -4.90 -14.53
C GLY B 214 4.13 -3.45 -14.10
N GLN B 215 3.75 -2.52 -14.98
CA GLN B 215 3.82 -1.11 -14.64
C GLN B 215 2.91 -0.78 -13.45
N LEU B 216 1.74 -1.40 -13.41
CA LEU B 216 0.83 -1.20 -12.28
C LEU B 216 1.44 -1.74 -10.99
N ILE B 217 2.07 -2.91 -11.06
CA ILE B 217 2.76 -3.47 -9.89
C ILE B 217 3.81 -2.48 -9.40
N ASP B 218 4.63 -1.99 -10.31
CA ASP B 218 5.71 -1.08 -9.95
C ASP B 218 5.17 0.19 -9.32
N ALA B 219 4.07 0.72 -9.88
CA ALA B 219 3.48 1.94 -9.33
C ALA B 219 2.92 1.71 -7.93
N MET B 220 2.22 0.59 -7.74
CA MET B 220 1.66 0.29 -6.42
C MET B 220 2.76 0.14 -5.38
N ALA B 221 3.90 -0.43 -5.77
CA ALA B 221 4.95 -0.71 -4.80
C ALA B 221 5.65 0.55 -4.29
N ASN B 222 5.44 1.70 -4.91
CA ASN B 222 6.09 2.94 -4.49
C ASN B 222 5.22 3.76 -3.52
N ALA B 223 4.29 3.12 -2.82
CA ALA B 223 3.32 3.87 -2.02
C ALA B 223 3.02 3.25 -0.66
N PHE B 224 1.74 2.97 -0.42
CA PHE B 224 1.20 2.74 0.92
C PHE B 224 1.79 1.48 1.56
N VAL B 225 1.67 1.41 2.88
CA VAL B 225 2.34 0.41 3.70
C VAL B 225 1.31 -0.50 4.33
N GLY B 226 1.49 -1.81 4.18
CA GLY B 226 0.62 -2.76 4.83
C GLY B 226 0.94 -2.96 6.30
N THR B 227 0.08 -3.72 6.97
CA THR B 227 0.29 -4.06 8.37
C THR B 227 0.61 -5.54 8.58
N ARG B 228 0.26 -6.39 7.62
CA ARG B 228 0.66 -7.79 7.58
C ARG B 228 1.22 -8.06 6.18
N SER B 229 1.73 -9.27 5.97
CA SER B 229 2.27 -9.61 4.65
C SER B 229 2.07 -11.09 4.38
N TYR B 230 1.76 -11.40 3.12
CA TYR B 230 1.64 -12.78 2.65
C TYR B 230 2.76 -13.13 1.69
N MET B 231 3.84 -12.35 1.69
CA MET B 231 4.95 -12.56 0.77
C MET B 231 5.81 -13.74 1.21
N SER B 232 6.22 -14.53 0.23
CA SER B 232 7.12 -15.65 0.49
C SER B 232 8.46 -15.15 1.00
N PRO B 233 9.20 -15.97 1.77
CA PRO B 233 10.49 -15.50 2.30
C PRO B 233 11.55 -15.31 1.21
N GLU B 234 11.46 -16.05 0.10
CA GLU B 234 12.40 -15.83 -0.99
C GLU B 234 12.09 -14.55 -1.76
N ARG B 235 10.81 -14.18 -1.84
CA ARG B 235 10.44 -12.94 -2.53
C ARG B 235 10.86 -11.74 -1.72
N LEU B 236 10.78 -11.83 -0.39
CA LEU B 236 11.24 -10.78 0.48
C LEU B 236 12.74 -10.55 0.38
N GLN B 237 13.46 -11.51 -0.18
CA GLN B 237 14.91 -11.49 -0.20
C GLN B 237 15.49 -11.30 -1.59
N GLY B 238 14.67 -11.37 -2.64
CA GLY B 238 15.17 -11.25 -3.99
C GLY B 238 14.34 -12.00 -5.02
N THR B 239 15.02 -12.73 -5.90
CA THR B 239 14.34 -13.38 -7.02
C THR B 239 13.25 -14.33 -6.55
N HIS B 240 12.13 -14.31 -7.27
CA HIS B 240 10.97 -15.13 -6.98
C HIS B 240 10.99 -16.41 -7.82
N TYR B 241 10.72 -17.54 -7.16
CA TYR B 241 10.88 -18.86 -7.76
C TYR B 241 9.57 -19.31 -8.42
N SER B 242 9.22 -18.59 -9.48
CA SER B 242 8.07 -18.92 -10.34
C SER B 242 6.80 -18.92 -9.47
N VAL B 243 5.86 -19.83 -9.71
CA VAL B 243 4.61 -19.83 -8.96
C VAL B 243 4.76 -20.35 -7.54
N GLN B 244 5.89 -20.98 -7.22
CA GLN B 244 6.10 -21.46 -5.85
C GLN B 244 5.80 -20.38 -4.84
N SER B 245 6.24 -19.15 -5.14
CA SER B 245 5.93 -17.98 -4.32
C SER B 245 4.44 -17.86 -4.05
N ASP B 246 3.63 -17.85 -5.11
CA ASP B 246 2.18 -17.85 -4.97
C ASP B 246 1.72 -18.95 -4.02
N ILE B 247 2.30 -20.15 -4.17
CA ILE B 247 1.80 -21.31 -3.44
C ILE B 247 1.96 -21.10 -1.94
N TRP B 248 3.15 -20.66 -1.51
CA TRP B 248 3.33 -20.23 -0.13
C TRP B 248 2.23 -19.26 0.28
N SER B 249 2.00 -18.23 -0.55
CA SER B 249 0.98 -17.24 -0.24
C SER B 249 -0.38 -17.90 -0.05
N MET B 250 -0.67 -18.94 -0.82
CA MET B 250 -1.91 -19.67 -0.61
C MET B 250 -1.92 -20.36 0.75
N GLY B 251 -0.86 -21.12 1.03
CA GLY B 251 -0.81 -21.87 2.28
C GLY B 251 -1.00 -20.99 3.50
N LEU B 252 -0.23 -19.89 3.57
CA LEU B 252 -0.41 -18.92 4.63
C LEU B 252 -1.87 -18.54 4.76
N SER B 253 -2.50 -18.15 3.65
CA SER B 253 -3.92 -17.79 3.68
C SER B 253 -4.75 -18.92 4.24
N LEU B 254 -4.53 -20.15 3.75
CA LEU B 254 -5.29 -21.29 4.23
C LEU B 254 -5.14 -21.46 5.73
N VAL B 255 -3.98 -21.11 6.29
CA VAL B 255 -3.83 -21.17 7.74
C VAL B 255 -4.67 -20.09 8.40
N GLU B 256 -4.56 -18.85 7.89
CA GLU B 256 -5.32 -17.74 8.46
C GLU B 256 -6.82 -18.03 8.47
N MET B 257 -7.33 -18.55 7.36
CA MET B 257 -8.75 -18.84 7.25
C MET B 257 -9.16 -20.04 8.10
N ALA B 258 -8.21 -20.91 8.44
CA ALA B 258 -8.57 -22.11 9.20
C ALA B 258 -8.64 -21.83 10.69
N VAL B 259 -7.69 -21.08 11.22
CA VAL B 259 -7.69 -20.73 12.64
C VAL B 259 -8.40 -19.40 12.91
N GLY B 260 -8.73 -18.64 11.87
CA GLY B 260 -9.39 -17.36 12.07
C GLY B 260 -8.48 -16.24 12.49
N ARG B 261 -7.18 -16.35 12.23
CA ARG B 261 -6.21 -15.36 12.70
C ARG B 261 -4.95 -15.48 11.85
N TYR B 262 -4.41 -14.33 11.47
CA TYR B 262 -3.18 -14.30 10.68
C TYR B 262 -2.05 -14.91 11.49
N PRO B 263 -1.36 -15.94 10.98
CA PRO B 263 -0.58 -16.81 11.86
C PRO B 263 0.89 -16.45 12.02
N ILE B 264 1.26 -15.19 11.83
CA ILE B 264 2.61 -14.72 12.08
C ILE B 264 2.54 -13.61 13.12
N PRO B 265 3.13 -13.78 14.31
CA PRO B 265 3.77 -15.01 14.81
C PRO B 265 2.72 -15.99 15.32
N PRO B 266 3.05 -17.27 15.48
CA PRO B 266 2.05 -18.24 15.93
C PRO B 266 1.63 -17.96 17.36
N PRO B 267 0.46 -18.44 17.77
CA PRO B 267 0.00 -18.20 19.15
C PRO B 267 0.96 -18.79 20.16
N ASP B 268 1.31 -17.97 21.16
CA ASP B 268 2.32 -18.36 22.14
C ASP B 268 1.87 -19.59 22.93
N ALA B 269 0.73 -19.48 23.61
CA ALA B 269 0.20 -20.58 24.40
C ALA B 269 -1.25 -20.35 24.75
N LYS B 270 -1.56 -19.15 25.26
CA LYS B 270 -2.90 -18.85 25.73
C LYS B 270 -3.86 -18.60 24.57
N GLU B 271 -3.39 -17.92 23.52
CA GLU B 271 -4.24 -17.60 22.38
C GLU B 271 -4.76 -18.86 21.70
N LEU B 272 -3.93 -19.91 21.67
CA LEU B 272 -4.30 -21.14 20.97
C LEU B 272 -5.49 -21.84 21.64
N GLU B 273 -5.63 -21.68 22.96
CA GLU B 273 -6.68 -22.39 23.68
C GLU B 273 -8.07 -21.94 23.22
N LEU B 274 -8.21 -20.68 22.82
CA LEU B 274 -9.47 -20.17 22.27
C LEU B 274 -9.66 -20.81 20.90
N MET B 275 -10.55 -21.79 20.83
CA MET B 275 -10.80 -22.53 19.58
C MET B 275 -12.27 -22.93 19.47
N PRO B 308 0.24 -6.15 18.86
CA PRO B 308 0.38 -6.31 17.41
C PRO B 308 1.80 -6.06 16.93
N MET B 309 2.33 -6.98 16.12
CA MET B 309 3.72 -6.94 15.70
C MET B 309 3.92 -6.00 14.52
N ALA B 310 5.00 -5.23 14.55
CA ALA B 310 5.26 -4.27 13.49
C ALA B 310 5.73 -4.98 12.22
N ILE B 311 5.48 -4.33 11.07
CA ILE B 311 5.58 -4.99 9.77
C ILE B 311 6.98 -5.57 9.54
N PHE B 312 8.03 -4.82 9.91
CA PHE B 312 9.39 -5.30 9.66
C PHE B 312 9.67 -6.57 10.44
N GLU B 313 9.23 -6.62 11.70
CA GLU B 313 9.46 -7.81 12.51
C GLU B 313 8.69 -8.99 11.96
N LEU B 314 7.51 -8.75 11.37
CA LEU B 314 6.78 -9.82 10.71
C LEU B 314 7.57 -10.37 9.52
N LEU B 315 8.13 -9.49 8.70
CA LEU B 315 8.91 -9.95 7.56
C LEU B 315 10.15 -10.71 8.02
N ASP B 316 10.82 -10.19 9.05
CA ASP B 316 11.97 -10.88 9.63
C ASP B 316 11.59 -12.27 10.12
N TYR B 317 10.42 -12.39 10.76
CA TYR B 317 9.99 -13.70 11.25
C TYR B 317 9.69 -14.64 10.10
N ILE B 318 9.06 -14.14 9.04
CA ILE B 318 8.76 -14.98 7.88
C ILE B 318 10.05 -15.50 7.26
N VAL B 319 11.09 -14.67 7.22
CA VAL B 319 12.32 -15.08 6.55
C VAL B 319 13.16 -15.98 7.44
N ASN B 320 13.24 -15.70 8.74
CA ASN B 320 14.27 -16.27 9.60
C ASN B 320 13.77 -17.29 10.60
N GLU B 321 12.48 -17.37 10.85
CA GLU B 321 11.90 -18.33 11.78
C GLU B 321 11.14 -19.40 11.02
N PRO B 322 10.83 -20.53 11.66
CA PRO B 322 10.15 -21.64 10.95
C PRO B 322 8.81 -21.19 10.40
N PRO B 323 8.26 -21.93 9.44
CA PRO B 323 6.97 -21.54 8.86
C PRO B 323 5.83 -21.89 9.78
N PRO B 324 4.71 -21.17 9.68
CA PRO B 324 3.54 -21.52 10.48
C PRO B 324 2.93 -22.84 10.02
N LYS B 325 2.18 -23.46 10.93
CA LYS B 325 1.56 -24.74 10.65
C LYS B 325 0.25 -24.81 11.40
N LEU B 326 -0.65 -25.67 10.92
CA LEU B 326 -1.92 -25.84 11.59
C LEU B 326 -1.72 -26.50 12.96
N PRO B 327 -2.63 -26.25 13.90
CA PRO B 327 -2.60 -27.03 15.14
C PRO B 327 -3.10 -28.45 14.90
N SER B 328 -2.47 -29.40 15.58
CA SER B 328 -2.73 -30.80 15.33
C SER B 328 -3.96 -31.28 16.12
N GLY B 329 -4.54 -32.39 15.64
CA GLY B 329 -5.69 -32.97 16.28
C GLY B 329 -7.00 -32.33 15.85
N VAL B 330 -7.00 -31.01 15.70
CA VAL B 330 -8.22 -30.31 15.33
C VAL B 330 -8.46 -30.32 13.83
N PHE B 331 -7.40 -30.49 13.02
CA PHE B 331 -7.52 -30.61 11.58
C PHE B 331 -6.99 -31.97 11.14
N SER B 332 -7.53 -32.48 10.05
CA SER B 332 -7.11 -33.79 9.54
C SER B 332 -5.64 -33.75 9.15
N LEU B 333 -5.04 -34.94 9.10
CA LEU B 333 -3.60 -35.03 8.91
C LEU B 333 -3.21 -34.69 7.47
N GLU B 334 -4.07 -35.07 6.50
CA GLU B 334 -3.79 -34.76 5.11
C GLU B 334 -3.72 -33.25 4.88
N PHE B 335 -4.64 -32.51 5.50
CA PHE B 335 -4.66 -31.06 5.34
C PHE B 335 -3.46 -30.40 6.00
N GLN B 336 -3.07 -30.91 7.17
CA GLN B 336 -1.83 -30.45 7.81
C GLN B 336 -0.65 -30.64 6.88
N ASP B 337 -0.52 -31.83 6.29
CA ASP B 337 0.58 -32.08 5.36
C ASP B 337 0.48 -31.21 4.12
N PHE B 338 -0.74 -30.93 3.65
CA PHE B 338 -0.94 -30.06 2.50
C PHE B 338 -0.39 -28.66 2.76
N VAL B 339 -0.82 -28.05 3.86
CA VAL B 339 -0.36 -26.68 4.14
C VAL B 339 1.13 -26.68 4.50
N ASN B 340 1.66 -27.78 5.04
CA ASN B 340 3.08 -27.82 5.35
C ASN B 340 3.91 -27.96 4.09
N LYS B 341 3.40 -28.71 3.10
CA LYS B 341 4.05 -28.78 1.80
C LYS B 341 3.98 -27.44 1.08
N CYS B 342 2.92 -26.66 1.33
CA CYS B 342 2.80 -25.35 0.73
C CYS B 342 3.64 -24.30 1.42
N LEU B 343 4.12 -24.55 2.64
CA LEU B 343 4.80 -23.54 3.42
C LEU B 343 6.27 -23.86 3.66
N ILE B 344 6.85 -24.74 2.84
CA ILE B 344 8.28 -25.01 2.93
C ILE B 344 9.05 -23.76 2.56
N LYS B 345 10.05 -23.42 3.38
CA LYS B 345 10.73 -22.15 3.20
C LYS B 345 11.66 -22.15 1.99
N ASN B 346 12.22 -23.32 1.64
CA ASN B 346 12.97 -23.45 0.41
C ASN B 346 11.99 -23.54 -0.76
N PRO B 347 12.06 -22.63 -1.75
CA PRO B 347 11.08 -22.66 -2.83
C PRO B 347 11.17 -23.87 -3.74
N ALA B 348 12.35 -24.51 -3.82
CA ALA B 348 12.48 -25.70 -4.67
C ALA B 348 11.92 -26.93 -3.98
N GLU B 349 12.19 -27.10 -2.68
CA GLU B 349 11.57 -28.18 -1.93
C GLU B 349 10.06 -27.99 -1.83
N ARG B 350 9.60 -26.75 -1.92
CA ARG B 350 8.17 -26.47 -1.84
C ARG B 350 7.42 -27.12 -3.00
N ALA B 351 6.21 -27.60 -2.70
CA ALA B 351 5.43 -28.28 -3.71
C ALA B 351 4.95 -27.31 -4.78
N ASP B 352 4.88 -27.81 -6.02
CA ASP B 352 4.37 -27.03 -7.13
C ASP B 352 2.93 -27.43 -7.43
N LEU B 353 2.34 -26.80 -8.45
CA LEU B 353 0.95 -27.04 -8.78
C LEU B 353 0.71 -28.49 -9.18
N LYS B 354 1.58 -29.04 -10.03
CA LYS B 354 1.53 -30.43 -10.44
C LYS B 354 1.34 -31.34 -9.23
N GLN B 355 2.17 -31.12 -8.21
CA GLN B 355 2.23 -31.98 -7.04
C GLN B 355 1.06 -31.76 -6.11
N LEU B 356 0.63 -30.49 -5.96
CA LEU B 356 -0.47 -30.20 -5.04
C LEU B 356 -1.79 -30.69 -5.60
N MET B 357 -1.93 -30.67 -6.93
CA MET B 357 -3.18 -31.04 -7.57
C MET B 357 -3.55 -32.49 -7.31
N VAL B 358 -2.58 -33.33 -6.96
CA VAL B 358 -2.81 -34.73 -6.69
C VAL B 358 -2.52 -35.10 -5.24
N HIS B 359 -2.35 -34.10 -4.37
CA HIS B 359 -2.06 -34.37 -2.97
C HIS B 359 -3.26 -35.05 -2.32
N ALA B 360 -2.99 -35.81 -1.25
CA ALA B 360 -4.03 -36.57 -0.57
C ALA B 360 -5.23 -35.68 -0.23
N PHE B 361 -4.96 -34.55 0.40
CA PHE B 361 -6.03 -33.63 0.81
C PHE B 361 -6.87 -33.21 -0.39
N ILE B 362 -6.24 -33.01 -1.56
CA ILE B 362 -6.97 -32.49 -2.70
C ILE B 362 -7.81 -33.57 -3.37
N LYS B 363 -7.29 -34.80 -3.46
CA LYS B 363 -8.13 -35.90 -3.93
C LYS B 363 -9.36 -36.05 -3.04
N ARG B 364 -9.15 -36.04 -1.72
CA ARG B 364 -10.25 -36.17 -0.78
C ARG B 364 -11.26 -35.03 -0.93
N SER B 365 -10.76 -33.79 -1.01
CA SER B 365 -11.66 -32.64 -1.09
C SER B 365 -12.37 -32.56 -2.43
N ASP B 366 -11.74 -33.05 -3.50
CA ASP B 366 -12.38 -33.14 -4.80
C ASP B 366 -13.50 -34.15 -4.77
N ALA B 367 -13.31 -35.25 -4.03
CA ALA B 367 -14.38 -36.23 -3.87
C ALA B 367 -15.55 -35.67 -3.08
N GLU B 368 -15.28 -35.14 -1.89
CA GLU B 368 -16.32 -34.73 -0.94
C GLU B 368 -17.38 -33.86 -1.60
N GLU B 369 -18.64 -34.12 -1.26
CA GLU B 369 -19.77 -33.34 -1.75
C GLU B 369 -20.09 -32.25 -0.73
N VAL B 370 -19.77 -31.00 -1.08
CA VAL B 370 -19.97 -29.87 -0.18
C VAL B 370 -20.85 -28.84 -0.87
N ASP B 371 -21.83 -28.32 -0.13
CA ASP B 371 -22.66 -27.21 -0.61
C ASP B 371 -21.99 -25.91 -0.17
N PHE B 372 -21.01 -25.48 -0.97
CA PHE B 372 -20.32 -24.23 -0.68
C PHE B 372 -21.28 -23.05 -0.75
N ALA B 373 -22.17 -23.06 -1.75
CA ALA B 373 -23.10 -21.94 -1.93
C ALA B 373 -23.99 -21.74 -0.70
N GLY B 374 -24.57 -22.84 -0.20
CA GLY B 374 -25.43 -22.73 0.96
C GLY B 374 -24.68 -22.32 2.21
N TRP B 375 -23.47 -22.86 2.40
CA TRP B 375 -22.64 -22.45 3.53
C TRP B 375 -22.37 -20.95 3.48
N LEU B 376 -22.03 -20.44 2.29
CA LEU B 376 -21.72 -19.03 2.15
C LEU B 376 -22.95 -18.17 2.43
N CYS B 377 -24.09 -18.56 1.85
CA CYS B 377 -25.32 -17.79 2.05
C CYS B 377 -25.74 -17.78 3.51
N SER B 378 -25.51 -18.89 4.21
CA SER B 378 -25.81 -18.92 5.65
C SER B 378 -24.82 -18.05 6.42
N THR B 379 -23.55 -18.08 6.03
CA THR B 379 -22.52 -17.35 6.76
C THR B 379 -22.73 -15.85 6.65
N ILE B 380 -23.14 -15.37 5.47
CA ILE B 380 -23.33 -13.94 5.28
C ILE B 380 -24.76 -13.49 5.57
N GLY B 381 -25.71 -14.42 5.65
CA GLY B 381 -27.08 -14.05 5.91
C GLY B 381 -27.93 -13.84 4.69
N LEU B 382 -27.55 -14.42 3.56
CA LEU B 382 -28.28 -14.26 2.31
C LEU B 382 -29.28 -15.39 2.13
N ASN B 383 -30.06 -15.31 1.06
CA ASN B 383 -30.88 -16.42 0.59
C ASN B 383 -30.27 -17.00 -0.67
N GLN B 384 -30.85 -18.09 -1.14
CA GLN B 384 -30.30 -18.80 -2.29
C GLN B 384 -30.45 -18.00 -3.58
PG ANP C . 1.92 12.84 3.72
O1G ANP C . 0.65 12.36 4.34
O2G ANP C . 1.95 14.42 3.80
O3G ANP C . 3.15 12.23 4.50
PB ANP C . 1.11 13.31 1.07
O1B ANP C . 1.57 14.72 1.16
O2B ANP C . 1.34 12.83 -0.39
N3B ANP C . 2.00 12.33 2.10
PA ANP C . -1.25 14.45 1.95
O1A ANP C . -0.46 15.30 2.86
O2A ANP C . -2.47 13.84 2.65
O3A ANP C . -0.41 13.21 1.40
O5' ANP C . -1.66 15.30 0.69
C5' ANP C . -2.69 14.86 -0.21
C4' ANP C . -2.79 15.81 -1.37
O4' ANP C . -2.96 17.16 -0.88
C3' ANP C . -1.58 15.84 -2.30
O3' ANP C . -1.97 16.00 -3.65
C2' ANP C . -0.80 17.05 -1.80
O2' ANP C . 0.01 17.63 -2.82
C1' ANP C . -1.94 17.99 -1.40
N9 ANP C . -1.58 18.98 -0.39
C8 ANP C . -1.10 18.75 0.87
N7 ANP C . -0.87 19.84 1.56
C5 ANP C . -1.23 20.86 0.69
C6 ANP C . -1.20 22.26 0.82
N6 ANP C . -0.81 22.90 1.92
N1 ANP C . -1.62 22.99 -0.23
C2 ANP C . -2.02 22.36 -1.34
N3 ANP C . -2.08 21.05 -1.58
C4 ANP C . -1.66 20.35 -0.52
MG MG D . 1.48 16.06 2.67
C10 A1AHE E . -0.83 -7.44 -8.69
C11 A1AHE E . -0.40 -6.12 -8.70
C14 A1AHE E . -3.47 -4.86 -9.77
C15 A1AHE E . -3.52 -4.16 -8.45
C16 A1AHE E . -4.76 -5.25 -10.35
C17 A1AHE E . -6.02 -5.06 -9.75
C18 A1AHE E . -7.20 -5.44 -10.35
C19 A1AHE E . -7.21 -6.05 -11.61
C23 A1AHE E . -8.60 -9.94 -11.69
C24 A1AHE E . -9.56 -10.37 -12.61
C25 A1AHE E . -10.18 -9.41 -13.38
C26 A1AHE E . -9.80 -8.07 -13.22
C28 A1AHE E . -5.99 -6.27 -12.28
C29 A1AHE E . -4.79 -5.87 -11.63
C01 A1AHE E . 3.59 -6.03 -2.89
C07 A1AHE E . 1.04 -6.73 -6.76
C09 A1AHE E . -0.32 -8.34 -7.73
C12 A1AHE E . -0.94 -5.13 -9.75
C13 A1AHE E . -2.31 -5.28 -10.34
C21 A1AHE E . -8.81 -7.71 -12.28
C31 A1AHE E . -2.39 -5.79 -11.71
C33 A1AHE E . 0.56 -5.79 -7.70
F27 A1AHE E . -10.41 -7.16 -13.98
F34 A1AHE E . 1.04 -4.52 -7.64
N02 A1AHE E . 4.17 -6.55 -4.16
N06 A1AHE E . 2.01 -6.45 -5.75
N08 A1AHE E . 0.59 -8.03 -6.78
N22 A1AHE E . -8.21 -8.66 -11.50
O04 A1AHE E . 2.73 -8.54 -4.47
O05 A1AHE E . 4.09 -7.77 -6.39
O20 A1AHE E . -8.46 -6.39 -12.12
O30 A1AHE E . -3.62 -6.10 -12.31
O32 A1AHE E . -1.46 -6.01 -12.46
S03 A1AHE E . 3.27 -7.49 -5.25
PG ANP F . -5.35 -4.84 -0.51
O1G ANP F . -4.97 -5.69 -1.68
O2G ANP F . -4.15 -4.75 0.50
O3G ANP F . -5.74 -3.39 -1.00
PB ANP F . -8.00 -5.66 -0.71
O1B ANP F . -7.69 -6.54 -1.87
O2B ANP F . -9.17 -6.26 0.10
N3B ANP F . -6.66 -5.54 0.29
PA ANP F . -9.07 -4.06 -2.67
O1A ANP F . -8.75 -2.71 -3.18
O2A ANP F . -8.56 -5.20 -3.55
O3A ANP F . -8.43 -4.24 -1.22
O5' ANP F . -10.65 -4.14 -2.46
C5' ANP F . -11.25 -3.89 -1.18
C4' ANP F . -12.44 -4.80 -1.03
O4' ANP F . -13.24 -4.73 -2.22
C3' ANP F . -12.10 -6.28 -0.89
O3' ANP F . -11.85 -6.62 0.47
C2' ANP F . -13.35 -6.98 -1.44
O2' ANP F . -14.23 -7.40 -0.40
C1' ANP F . -14.01 -5.91 -2.33
N9 ANP F . -14.09 -6.29 -3.74
C8 ANP F . -13.10 -6.15 -4.69
N7 ANP F . -13.44 -6.57 -5.88
C5 ANP F . -14.76 -7.02 -5.71
C6 ANP F . -15.68 -7.58 -6.60
N6 ANP F . -15.44 -7.81 -7.89
N1 ANP F . -16.90 -7.91 -6.10
C2 ANP F . -17.15 -7.69 -4.81
N3 ANP F . -16.34 -7.17 -3.87
C4 ANP F . -15.16 -6.85 -4.39
MG MG G . -8.54 -7.25 -3.74
#